data_7BQA
#
_entry.id   7BQA
#
_cell.length_a   58.068
_cell.length_b   89.563
_cell.length_c   65.080
_cell.angle_alpha   90.000
_cell.angle_beta   89.950
_cell.angle_gamma   90.000
#
_symmetry.space_group_name_H-M   'P 1 21 1'
#
loop_
_entity.id
_entity.type
_entity.pdbx_description
1 polymer '60 kDa polyprotein'
2 water water
#
_entity_poly.entity_id   1
_entity_poly.type   'polypeptide(L)'
_entity_poly.pdbx_seq_one_letter_code
;RSPWDPPVPKHISPYTPRTRIAIEVEKAFDDCMRQNWCSVNNPYLAKSVSLLSFLSLNHPTEFIKVLPLIDFDPLVTFYL
LLEPYKTHGDDFLIPETILFGPTGWNGTDLYQSAMLEFKKFFTQITRQTFMDIADSATKEVDVPICYSDPETVHSYTNHV
RTEILHHNAVNKVTTPNLVVQAYNELEQTNTIRHYGPIFPESTINALRFWKKLWQDEQRFVIHGLHRTLMDQPTYETSEF
AEIVRNLRFSRPGNNYINELNITSPAMYGDKHTTGDIAPNDRFAMLVAFINSTDFLYTAIPEEKVGGNLESRGPFEGKPI
PNPLLGLDSTRTGHHHHHH
;
_entity_poly.pdbx_strand_id   B,A
#
# COMPACT_ATOMS: atom_id res chain seq x y z
N TYR A 15 25.43 2.30 0.14
CA TYR A 15 25.71 3.26 -0.91
C TYR A 15 24.46 4.09 -1.23
N THR A 16 23.32 3.41 -1.31
CA THR A 16 22.01 4.02 -1.48
C THR A 16 21.07 3.37 -0.49
N PRO A 17 19.86 3.92 -0.31
CA PRO A 17 18.87 3.22 0.54
C PRO A 17 18.55 1.82 0.03
N ARG A 18 18.53 1.63 -1.29
CA ARG A 18 18.37 0.30 -1.85
C ARG A 18 19.48 -0.63 -1.39
N THR A 19 20.73 -0.15 -1.46
CA THR A 19 21.87 -0.97 -1.07
C THR A 19 21.86 -1.31 0.41
N ARG A 20 21.30 -0.42 1.24
CA ARG A 20 21.30 -0.64 2.68
C ARG A 20 20.49 -1.88 3.06
N ILE A 21 19.26 -1.98 2.51
CA ILE A 21 18.41 -3.12 2.84
C ILE A 21 19.03 -4.42 2.36
N ALA A 22 19.58 -4.42 1.15
CA ALA A 22 20.19 -5.64 0.61
C ALA A 22 21.34 -6.13 1.48
N ILE A 23 22.22 -5.21 1.88
CA ILE A 23 23.36 -5.59 2.71
C ILE A 23 22.89 -6.16 4.06
N GLU A 24 21.85 -5.56 4.63
CA GLU A 24 21.31 -6.08 5.88
C GLU A 24 20.72 -7.48 5.71
N VAL A 25 19.97 -7.69 4.63
CA VAL A 25 19.39 -9.00 4.36
C VAL A 25 20.49 -10.02 4.10
N GLU A 26 21.51 -9.62 3.35
CA GLU A 26 22.59 -10.55 3.03
C GLU A 26 23.38 -10.94 4.27
N LYS A 27 23.61 -10.00 5.18
CA LYS A 27 24.29 -10.32 6.43
C LYS A 27 23.39 -11.19 7.32
N ALA A 28 22.08 -10.94 7.29
CA ALA A 28 21.16 -11.77 8.06
C ALA A 28 21.06 -13.17 7.47
N PHE A 29 21.11 -13.28 6.14
CA PHE A 29 21.09 -14.60 5.51
C PHE A 29 22.38 -15.37 5.80
N ASP A 30 23.52 -14.70 5.71
CA ASP A 30 24.79 -15.33 6.08
C ASP A 30 24.75 -15.83 7.52
N ASP A 31 24.08 -15.08 8.40
CA ASP A 31 23.92 -15.51 9.78
C ASP A 31 23.05 -16.76 9.87
N CYS A 32 21.79 -16.66 9.42
CA CYS A 32 20.85 -17.77 9.59
C CYS A 32 21.37 -19.06 8.97
N MET A 33 22.10 -18.96 7.85
CA MET A 33 22.71 -20.16 7.27
C MET A 33 23.69 -20.80 8.24
N ARG A 34 24.52 -19.98 8.89
CA ARG A 34 25.51 -20.51 9.83
C ARG A 34 24.84 -21.04 11.10
N GLN A 35 23.76 -20.40 11.54
CA GLN A 35 23.16 -20.79 12.81
C GLN A 35 22.31 -22.05 12.68
N ASN A 36 21.52 -22.17 11.61
CA ASN A 36 20.67 -23.35 11.46
C ASN A 36 20.21 -23.56 10.02
N TRP A 37 21.03 -23.18 9.05
CA TRP A 37 20.70 -23.33 7.63
C TRP A 37 19.43 -22.57 7.27
N CYS A 38 19.13 -21.51 8.03
CA CYS A 38 17.89 -20.75 7.92
C CYS A 38 16.67 -21.67 7.83
N SER A 39 15.71 -21.28 6.99
CA SER A 39 14.56 -22.10 6.62
C SER A 39 14.29 -21.77 5.15
N VAL A 40 15.08 -22.41 4.27
CA VAL A 40 15.25 -22.00 2.87
C VAL A 40 15.78 -20.56 2.92
N ASN A 41 15.15 -19.59 2.27
CA ASN A 41 15.51 -18.20 2.43
C ASN A 41 14.76 -17.64 3.63
N ASN A 42 15.49 -17.15 4.63
CA ASN A 42 14.83 -16.68 5.84
C ASN A 42 14.64 -15.17 5.82
N PRO A 43 15.70 -14.35 5.77
CA PRO A 43 15.47 -12.91 5.73
C PRO A 43 14.97 -12.43 4.38
N TYR A 44 15.37 -13.10 3.29
CA TYR A 44 14.80 -12.79 1.99
C TYR A 44 13.30 -13.02 1.98
N LEU A 45 12.84 -14.09 2.63
CA LEU A 45 11.41 -14.35 2.73
C LEU A 45 10.70 -13.26 3.51
N ALA A 46 11.28 -12.85 4.64
CA ALA A 46 10.65 -11.81 5.45
C ALA A 46 10.55 -10.49 4.69
N LYS A 47 11.60 -10.11 3.98
CA LYS A 47 11.57 -8.84 3.24
C LYS A 47 10.71 -8.95 2.00
N SER A 48 10.78 -10.08 1.29
CA SER A 48 9.91 -10.28 0.13
C SER A 48 8.45 -10.18 0.53
N VAL A 49 8.07 -10.86 1.62
CA VAL A 49 6.69 -10.81 2.09
C VAL A 49 6.36 -9.43 2.64
N SER A 50 7.32 -8.81 3.35
CA SER A 50 7.12 -7.45 3.85
C SER A 50 6.83 -6.49 2.72
N LEU A 51 7.68 -6.50 1.69
CA LEU A 51 7.41 -5.68 0.51
C LEU A 51 6.12 -6.10 -0.17
N LEU A 52 5.90 -7.42 -0.30
CA LEU A 52 4.74 -7.90 -1.06
C LEU A 52 3.43 -7.63 -0.32
N SER A 53 3.45 -7.54 1.01
CA SER A 53 2.24 -7.12 1.71
C SER A 53 2.04 -5.61 1.65
N PHE A 54 3.12 -4.84 1.48
CA PHE A 54 3.00 -3.38 1.50
C PHE A 54 2.28 -2.86 0.26
N LEU A 55 2.71 -3.29 -0.94
CA LEU A 55 2.00 -2.83 -2.15
C LEU A 55 0.59 -3.41 -2.20
N SER A 56 0.38 -4.65 -1.75
CA SER A 56 -0.97 -5.21 -1.77
C SER A 56 -1.92 -4.37 -0.92
N LEU A 57 -1.46 -3.91 0.25
CA LEU A 57 -2.28 -3.07 1.11
C LEU A 57 -2.33 -1.63 0.61
N ASN A 58 -1.21 -1.10 0.15
CA ASN A 58 -1.05 0.34 -0.02
C ASN A 58 -0.99 0.80 -1.46
N HIS A 59 -0.63 -0.07 -2.41
CA HIS A 59 -0.56 0.31 -3.82
C HIS A 59 -0.99 -0.87 -4.67
N PRO A 60 -2.30 -1.17 -4.72
CA PRO A 60 -2.75 -2.39 -5.41
C PRO A 60 -2.43 -2.42 -6.89
N THR A 61 -2.21 -1.26 -7.53
CA THR A 61 -1.86 -1.28 -8.95
C THR A 61 -0.43 -1.77 -9.16
N GLU A 62 0.48 -1.41 -8.26
CA GLU A 62 1.84 -1.92 -8.36
C GLU A 62 1.93 -3.37 -7.92
N PHE A 63 1.09 -3.78 -6.96
CA PHE A 63 1.00 -5.19 -6.60
C PHE A 63 0.53 -6.02 -7.79
N ILE A 64 -0.48 -5.53 -8.50
CA ILE A 64 -0.97 -6.20 -9.70
C ILE A 64 0.11 -6.22 -10.79
N LYS A 65 0.92 -5.16 -10.85
CA LYS A 65 1.91 -5.04 -11.92
C LYS A 65 3.01 -6.09 -11.79
N VAL A 66 3.43 -6.39 -10.56
CA VAL A 66 4.59 -7.25 -10.34
C VAL A 66 4.22 -8.64 -9.82
N LEU A 67 2.95 -8.88 -9.48
CA LEU A 67 2.57 -10.22 -9.00
C LEU A 67 2.86 -11.33 -10.01
N PRO A 68 2.56 -11.19 -11.31
CA PRO A 68 2.90 -12.28 -12.24
C PRO A 68 4.40 -12.50 -12.39
N LEU A 69 5.24 -11.66 -11.81
CA LEU A 69 6.68 -11.78 -11.96
C LEU A 69 7.39 -12.35 -10.74
N ILE A 70 6.68 -12.56 -9.63
CA ILE A 70 7.33 -13.01 -8.41
C ILE A 70 7.69 -14.49 -8.52
N ASP A 71 8.77 -14.87 -7.86
CA ASP A 71 9.33 -16.21 -7.94
C ASP A 71 9.11 -16.96 -6.63
N PHE A 72 8.92 -18.27 -6.74
CA PHE A 72 8.81 -19.10 -5.55
C PHE A 72 10.10 -19.11 -4.74
N ASP A 73 11.23 -18.85 -5.38
CA ASP A 73 12.49 -18.58 -4.69
C ASP A 73 12.44 -17.15 -4.17
N PRO A 74 12.30 -16.95 -2.86
CA PRO A 74 12.18 -15.59 -2.34
C PRO A 74 13.47 -14.79 -2.42
N LEU A 75 14.62 -15.45 -2.55
CA LEU A 75 15.86 -14.73 -2.82
C LEU A 75 15.81 -14.07 -4.20
N VAL A 76 15.35 -14.82 -5.21
CA VAL A 76 15.21 -14.26 -6.55
C VAL A 76 14.16 -13.15 -6.56
N THR A 77 13.05 -13.37 -5.87
CA THR A 77 12.00 -12.35 -5.79
C THR A 77 12.52 -11.06 -5.15
N PHE A 78 13.36 -11.20 -4.12
CA PHE A 78 13.87 -10.02 -3.41
C PHE A 78 14.66 -9.11 -4.35
N TYR A 79 15.56 -9.68 -5.16
CA TYR A 79 16.40 -8.86 -6.01
C TYR A 79 15.67 -8.37 -7.25
N LEU A 80 14.73 -9.16 -7.78
CA LEU A 80 13.96 -8.70 -8.93
C LEU A 80 13.02 -7.56 -8.55
N LEU A 81 12.58 -7.50 -7.29
CA LEU A 81 11.68 -6.45 -6.86
C LEU A 81 12.44 -5.19 -6.46
N LEU A 82 13.46 -5.34 -5.60
CA LEU A 82 14.14 -4.17 -5.08
C LEU A 82 15.13 -3.61 -6.10
N GLU A 83 15.86 -4.48 -6.80
CA GLU A 83 16.96 -4.07 -7.67
C GLU A 83 17.93 -3.17 -6.92
N PRO A 84 18.52 -3.66 -5.82
CA PRO A 84 19.26 -2.76 -4.91
C PRO A 84 20.56 -2.25 -5.47
N TYR A 85 21.11 -2.87 -6.51
CA TYR A 85 22.39 -2.46 -7.06
C TYR A 85 22.23 -1.72 -8.39
N LYS A 86 21.00 -1.33 -8.74
CA LYS A 86 20.76 -0.59 -9.97
C LYS A 86 21.00 0.89 -9.70
N THR A 87 22.08 1.43 -10.26
CA THR A 87 22.41 2.84 -10.12
C THR A 87 22.21 3.64 -11.40
N HIS A 88 22.06 2.98 -12.55
CA HIS A 88 21.86 3.65 -13.83
C HIS A 88 20.41 3.47 -14.27
N GLY A 89 19.79 4.55 -14.72
CA GLY A 89 18.42 4.51 -15.18
C GLY A 89 17.42 4.81 -14.08
N ASP A 90 16.24 5.28 -14.51
CA ASP A 90 15.12 5.54 -13.62
C ASP A 90 13.98 4.54 -13.83
N ASP A 91 14.24 3.45 -14.53
CA ASP A 91 13.21 2.45 -14.80
C ASP A 91 13.26 1.32 -13.77
N PHE A 92 13.24 1.68 -12.48
CA PHE A 92 13.08 0.67 -11.45
C PHE A 92 11.70 0.03 -11.58
N LEU A 93 11.62 -1.27 -11.25
CA LEU A 93 10.35 -1.98 -11.39
C LEU A 93 9.29 -1.40 -10.47
N ILE A 94 9.68 -1.03 -9.24
CA ILE A 94 8.81 -0.33 -8.31
C ILE A 94 9.47 1.00 -7.97
N PRO A 95 8.78 2.13 -8.15
CA PRO A 95 9.45 3.44 -8.09
C PRO A 95 10.09 3.72 -6.73
N GLU A 96 11.10 4.59 -6.77
CA GLU A 96 11.78 4.99 -5.54
C GLU A 96 10.84 5.71 -4.59
N THR A 97 9.83 6.40 -5.11
CA THR A 97 8.86 7.08 -4.26
C THR A 97 8.07 6.09 -3.43
N ILE A 98 7.63 4.99 -4.05
CA ILE A 98 6.86 3.98 -3.35
C ILE A 98 7.70 3.22 -2.34
N LEU A 99 9.02 3.17 -2.54
CA LEU A 99 9.89 2.39 -1.68
C LEU A 99 10.51 3.22 -0.55
N PHE A 100 11.11 4.37 -0.87
CA PHE A 100 11.88 5.13 0.10
C PHE A 100 11.38 6.54 0.35
N GLY A 101 10.23 6.91 -0.21
CA GLY A 101 9.74 8.26 -0.08
C GLY A 101 8.99 8.52 1.21
N PRO A 102 8.31 9.67 1.29
CA PRO A 102 7.50 9.96 2.48
C PRO A 102 6.35 8.99 2.66
N THR A 103 5.78 8.49 1.56
CA THR A 103 4.80 7.41 1.59
C THR A 103 5.42 6.08 1.22
N GLY A 104 6.73 5.93 1.45
CA GLY A 104 7.44 4.75 1.04
C GLY A 104 7.43 3.64 2.07
N TRP A 105 7.91 2.48 1.64
CA TRP A 105 7.99 1.30 2.49
C TRP A 105 9.16 1.39 3.46
N ASN A 106 10.30 1.89 2.98
CA ASN A 106 11.51 2.06 3.79
C ASN A 106 11.93 0.77 4.50
N GLY A 107 11.51 -0.37 3.99
CA GLY A 107 11.99 -1.64 4.49
C GLY A 107 11.48 -2.06 5.84
N THR A 108 10.31 -1.58 6.25
CA THR A 108 9.78 -1.93 7.56
C THR A 108 9.09 -3.29 7.49
N ASP A 109 9.44 -4.17 8.42
CA ASP A 109 8.91 -5.53 8.42
C ASP A 109 7.40 -5.53 8.59
N LEU A 110 6.72 -6.36 7.79
CA LEU A 110 5.28 -6.58 7.88
C LEU A 110 5.02 -8.09 7.82
N TYR A 111 5.57 -8.81 8.80
CA TYR A 111 5.66 -10.27 8.79
C TYR A 111 4.58 -10.95 9.63
N GLN A 112 4.98 -11.98 10.40
CA GLN A 112 4.13 -12.97 11.09
C GLN A 112 3.63 -14.02 10.11
N SER A 113 3.99 -15.28 10.34
CA SER A 113 3.67 -16.40 9.44
C SER A 113 4.14 -16.09 8.02
N ALA A 114 5.46 -15.94 7.88
CA ALA A 114 6.04 -15.42 6.65
C ALA A 114 5.88 -16.41 5.50
N MET A 115 6.19 -17.69 5.74
CA MET A 115 6.04 -18.68 4.68
C MET A 115 4.57 -18.86 4.30
N LEU A 116 3.68 -18.86 5.29
CA LEU A 116 2.25 -18.86 5.02
C LEU A 116 1.88 -17.66 4.14
N GLU A 117 2.41 -16.49 4.50
CA GLU A 117 2.07 -15.27 3.76
C GLU A 117 2.62 -15.31 2.34
N PHE A 118 3.83 -15.84 2.15
CA PHE A 118 4.43 -15.88 0.83
C PHE A 118 3.64 -16.77 -0.11
N LYS A 119 3.31 -17.98 0.33
CA LYS A 119 2.57 -18.91 -0.51
C LYS A 119 1.18 -18.37 -0.83
N LYS A 120 0.56 -17.66 0.12
CA LYS A 120 -0.76 -17.09 -0.12
C LYS A 120 -0.72 -15.99 -1.18
N PHE A 121 0.44 -15.37 -1.41
CA PHE A 121 0.56 -14.37 -2.46
C PHE A 121 0.32 -14.99 -3.83
N PHE A 122 0.89 -16.18 -4.06
CA PHE A 122 0.70 -16.86 -5.34
C PHE A 122 -0.74 -17.32 -5.51
N THR A 123 -1.44 -17.60 -4.41
CA THR A 123 -2.86 -17.95 -4.47
C THR A 123 -3.70 -16.82 -5.04
N GLN A 124 -3.22 -15.58 -4.94
CA GLN A 124 -3.98 -14.42 -5.39
C GLN A 124 -3.98 -14.24 -6.90
N ILE A 125 -3.23 -15.05 -7.65
CA ILE A 125 -3.19 -14.90 -9.11
C ILE A 125 -4.51 -15.41 -9.68
N THR A 126 -5.54 -14.58 -9.63
CA THR A 126 -6.89 -14.95 -10.04
C THR A 126 -7.51 -13.79 -10.80
N ARG A 127 -8.74 -14.01 -11.29
CA ARG A 127 -9.46 -12.96 -11.98
C ARG A 127 -9.93 -11.89 -10.99
N GLN A 128 -10.48 -12.33 -9.85
CA GLN A 128 -11.05 -11.40 -8.88
C GLN A 128 -10.00 -10.42 -8.37
N THR A 129 -8.75 -10.87 -8.22
CA THR A 129 -7.70 -9.98 -7.74
C THR A 129 -7.45 -8.83 -8.72
N PHE A 130 -7.53 -9.11 -10.02
CA PHE A 130 -7.31 -8.06 -11.01
C PHE A 130 -8.49 -7.10 -11.07
N MET A 131 -9.71 -7.61 -10.92
CA MET A 131 -10.92 -6.79 -11.00
C MET A 131 -10.89 -5.62 -10.02
N VAL A 143 -8.71 -8.21 -18.99
CA VAL A 143 -8.12 -9.03 -17.95
C VAL A 143 -7.04 -9.92 -18.56
N PRO A 144 -5.82 -9.82 -18.02
CA PRO A 144 -4.71 -10.59 -18.59
C PRO A 144 -4.88 -12.08 -18.37
N ILE A 145 -4.30 -12.86 -19.30
CA ILE A 145 -4.36 -14.31 -19.19
C ILE A 145 -3.55 -14.82 -18.01
N CYS A 146 -2.53 -14.07 -17.57
CA CYS A 146 -1.80 -14.46 -16.38
C CYS A 146 -2.69 -14.52 -15.15
N TYR A 147 -3.70 -13.64 -15.10
CA TYR A 147 -4.64 -13.65 -13.98
C TYR A 147 -5.86 -14.52 -14.24
N SER A 148 -6.29 -14.64 -15.49
CA SER A 148 -7.47 -15.46 -15.78
C SER A 148 -7.13 -16.94 -15.77
N ASP A 149 -6.16 -17.34 -16.60
CA ASP A 149 -5.79 -18.74 -16.77
C ASP A 149 -4.27 -18.86 -16.84
N PRO A 150 -3.60 -18.84 -15.68
CA PRO A 150 -2.14 -18.89 -15.69
C PRO A 150 -1.59 -20.24 -16.14
N GLU A 151 -2.36 -21.31 -15.96
CA GLU A 151 -1.96 -22.61 -16.49
C GLU A 151 -1.95 -22.61 -18.01
N THR A 152 -2.88 -21.88 -18.62
CA THR A 152 -2.92 -21.80 -20.07
C THR A 152 -1.73 -21.02 -20.62
N VAL A 153 -1.22 -20.05 -19.86
CA VAL A 153 -0.04 -19.31 -20.30
C VAL A 153 1.16 -20.24 -20.40
N HIS A 154 1.30 -21.17 -19.44
CA HIS A 154 2.37 -22.15 -19.51
C HIS A 154 2.20 -23.06 -20.73
N SER A 155 0.96 -23.31 -21.15
CA SER A 155 0.73 -24.06 -22.37
C SER A 155 1.29 -23.33 -23.59
N TYR A 156 1.07 -22.02 -23.66
CA TYR A 156 1.59 -21.24 -24.78
C TYR A 156 3.11 -21.23 -24.78
N THR A 157 3.73 -21.08 -23.61
CA THR A 157 5.19 -21.08 -23.54
C THR A 157 5.76 -22.45 -23.88
N ASN A 158 5.02 -23.52 -23.59
CA ASN A 158 5.46 -24.85 -24.01
C ASN A 158 5.53 -24.95 -25.53
N HIS A 159 4.53 -24.38 -26.22
CA HIS A 159 4.55 -24.38 -27.68
C HIS A 159 5.77 -23.65 -28.22
N VAL A 160 6.10 -22.50 -27.65
CA VAL A 160 7.27 -21.75 -28.08
C VAL A 160 8.54 -22.55 -27.81
N ARG A 161 8.60 -23.20 -26.63
CA ARG A 161 9.77 -24.01 -26.29
C ARG A 161 9.97 -25.14 -27.30
N THR A 162 8.89 -25.85 -27.63
CA THR A 162 8.97 -26.91 -28.63
C THR A 162 9.38 -26.35 -29.99
N GLU A 163 8.87 -25.16 -30.34
CA GLU A 163 9.19 -24.56 -31.64
C GLU A 163 10.67 -24.25 -31.75
N ILE A 164 11.27 -23.70 -30.70
CA ILE A 164 12.67 -23.29 -30.76
C ILE A 164 13.58 -24.51 -30.73
N LEU A 165 13.30 -25.47 -29.84
CA LEU A 165 14.20 -26.59 -29.62
C LEU A 165 13.98 -27.77 -30.57
N HIS A 166 12.80 -27.89 -31.17
CA HIS A 166 12.48 -29.07 -31.97
C HIS A 166 12.03 -28.76 -33.38
N HIS A 167 11.65 -27.52 -33.66
CA HIS A 167 11.16 -27.12 -34.97
C HIS A 167 12.10 -26.16 -35.68
N ASN A 168 13.29 -25.96 -35.13
CA ASN A 168 14.28 -25.03 -35.68
C ASN A 168 15.67 -25.60 -35.48
N ALA A 169 16.62 -25.05 -36.22
CA ALA A 169 18.02 -25.40 -36.02
C ALA A 169 18.50 -24.89 -34.67
N VAL A 170 19.16 -25.76 -33.91
CA VAL A 170 19.69 -25.40 -32.60
C VAL A 170 21.14 -24.99 -32.78
N ASN A 171 21.36 -23.73 -33.15
CA ASN A 171 22.67 -23.21 -33.53
C ASN A 171 23.04 -22.01 -32.67
N LYS A 172 24.32 -21.64 -32.75
CA LYS A 172 24.75 -20.35 -32.20
C LYS A 172 24.20 -19.18 -32.99
N VAL A 173 23.68 -19.43 -34.20
CA VAL A 173 23.23 -18.37 -35.10
C VAL A 173 21.71 -18.23 -35.03
N THR A 174 21.01 -19.33 -34.75
CA THR A 174 19.56 -19.36 -34.84
C THR A 174 18.86 -19.22 -33.49
N THR A 175 19.25 -20.03 -32.51
CA THR A 175 18.52 -20.13 -31.25
C THR A 175 18.55 -18.85 -30.41
N PRO A 176 19.69 -18.16 -30.26
CA PRO A 176 19.65 -16.89 -29.51
C PRO A 176 18.72 -15.86 -30.11
N ASN A 177 18.68 -15.76 -31.44
CA ASN A 177 17.77 -14.82 -32.09
C ASN A 177 16.32 -15.18 -31.82
N LEU A 178 16.00 -16.48 -31.80
CA LEU A 178 14.62 -16.90 -31.60
C LEU A 178 14.13 -16.63 -30.19
N VAL A 179 15.02 -16.71 -29.19
CA VAL A 179 14.63 -16.43 -27.82
C VAL A 179 14.25 -14.96 -27.68
N VAL A 180 15.04 -14.06 -28.29
CA VAL A 180 14.75 -12.64 -28.20
C VAL A 180 13.45 -12.30 -28.91
N GLN A 181 13.18 -12.98 -30.03
CA GLN A 181 11.96 -12.71 -30.79
C GLN A 181 10.71 -13.07 -29.98
N ALA A 182 10.78 -14.17 -29.21
CA ALA A 182 9.66 -14.54 -28.36
C ALA A 182 9.40 -13.49 -27.29
N TYR A 183 10.48 -12.97 -26.69
CA TYR A 183 10.32 -11.88 -25.73
C TYR A 183 9.90 -10.59 -26.42
N ASN A 184 10.30 -10.40 -27.67
CA ASN A 184 9.92 -9.20 -28.41
C ASN A 184 8.41 -9.16 -28.66
N GLU A 185 7.83 -10.31 -29.03
CA GLU A 185 6.40 -10.36 -29.30
C GLU A 185 5.59 -10.03 -28.06
N LEU A 186 5.99 -10.56 -26.91
CA LEU A 186 5.32 -10.23 -25.67
C LEU A 186 5.56 -8.78 -25.27
N GLU A 187 6.71 -8.22 -25.63
CA GLU A 187 7.03 -6.85 -25.22
C GLU A 187 6.06 -5.86 -25.86
N GLN A 188 5.93 -5.89 -27.17
CA GLN A 188 5.21 -4.85 -27.90
C GLN A 188 3.79 -5.25 -28.30
N THR A 189 3.46 -6.54 -28.30
CA THR A 189 2.10 -6.98 -28.60
C THR A 189 1.44 -7.72 -27.45
N ASN A 190 2.16 -7.99 -26.36
CA ASN A 190 1.61 -8.63 -25.16
C ASN A 190 0.96 -9.97 -25.51
N THR A 191 1.67 -10.78 -26.28
CA THR A 191 1.15 -12.06 -26.73
C THR A 191 2.24 -13.12 -26.65
N ILE A 192 1.79 -14.36 -26.49
CA ILE A 192 2.64 -15.55 -26.64
C ILE A 192 1.92 -16.48 -27.61
N ARG A 193 2.57 -16.80 -28.72
CA ARG A 193 1.94 -17.51 -29.84
C ARG A 193 0.73 -16.74 -30.38
N HIS A 194 0.82 -15.40 -30.31
CA HIS A 194 -0.24 -14.51 -30.77
C HIS A 194 -1.54 -14.71 -29.98
N TYR A 195 -1.42 -15.06 -28.71
CA TYR A 195 -2.54 -15.15 -27.78
C TYR A 195 -2.29 -14.20 -26.63
N GLY A 196 -3.20 -13.28 -26.39
CA GLY A 196 -3.05 -12.30 -25.33
C GLY A 196 -4.38 -11.86 -24.76
N PRO A 197 -4.34 -10.86 -23.85
CA PRO A 197 -3.12 -10.25 -23.32
C PRO A 197 -2.54 -11.06 -22.16
N ILE A 198 -1.24 -11.34 -22.21
CA ILE A 198 -0.61 -12.19 -21.20
C ILE A 198 -0.56 -11.45 -19.87
N PHE A 199 0.05 -10.28 -19.85
CA PHE A 199 0.23 -9.46 -18.67
C PHE A 199 -0.67 -8.24 -18.71
N PRO A 200 -0.78 -7.51 -17.60
CA PRO A 200 -1.35 -6.16 -17.66
C PRO A 200 -0.42 -5.23 -18.45
N GLU A 201 -0.96 -4.08 -18.85
CA GLU A 201 -0.16 -3.10 -19.55
C GLU A 201 0.82 -2.42 -18.61
N SER A 202 0.44 -2.29 -17.34
CA SER A 202 1.40 -1.88 -16.32
C SER A 202 2.65 -2.75 -16.37
N THR A 203 2.46 -4.08 -16.46
CA THR A 203 3.60 -5.00 -16.50
C THR A 203 4.38 -4.87 -17.80
N ILE A 204 3.66 -4.66 -18.91
CA ILE A 204 4.31 -4.59 -20.22
C ILE A 204 5.23 -3.38 -20.30
N ASN A 205 4.72 -2.20 -19.97
CA ASN A 205 5.52 -0.99 -20.04
C ASN A 205 6.66 -0.99 -19.04
N ALA A 206 6.55 -1.76 -17.96
CA ALA A 206 7.63 -1.89 -16.99
C ALA A 206 8.74 -2.81 -17.47
N LEU A 207 8.53 -3.57 -18.54
CA LEU A 207 9.51 -4.51 -19.07
C LEU A 207 10.00 -4.11 -20.45
N ARG A 208 10.07 -2.81 -20.71
CA ARG A 208 10.53 -2.33 -22.00
C ARG A 208 12.04 -2.57 -22.16
N PHE A 209 12.46 -2.74 -23.40
CA PHE A 209 13.87 -2.88 -23.77
C PHE A 209 14.51 -4.10 -23.12
N TRP A 210 13.90 -5.25 -23.38
CA TRP A 210 14.48 -6.56 -23.07
C TRP A 210 14.75 -6.73 -21.57
N LYS A 211 13.96 -6.07 -20.73
CA LYS A 211 14.15 -6.22 -19.29
C LYS A 211 13.67 -7.57 -18.78
N LYS A 212 12.60 -8.11 -19.37
CA LYS A 212 12.10 -9.40 -18.92
C LYS A 212 13.10 -10.52 -19.24
N LEU A 213 13.74 -10.47 -20.40
CA LEU A 213 14.78 -11.43 -20.72
C LEU A 213 15.95 -11.29 -19.76
N TRP A 214 16.26 -10.06 -19.33
CA TRP A 214 17.28 -9.84 -18.32
C TRP A 214 16.85 -10.42 -16.97
N GLN A 215 15.56 -10.28 -16.65
CA GLN A 215 15.05 -10.87 -15.41
C GLN A 215 15.11 -12.38 -15.45
N ASP A 216 14.73 -12.99 -16.58
CA ASP A 216 14.58 -14.43 -16.65
C ASP A 216 15.93 -15.15 -16.72
N GLU A 217 16.96 -14.51 -17.29
CA GLU A 217 18.29 -15.11 -17.20
C GLU A 217 18.81 -15.02 -15.77
N GLN A 218 18.52 -13.93 -15.08
CA GLN A 218 18.86 -13.83 -13.66
C GLN A 218 18.14 -14.91 -12.86
N ARG A 219 16.86 -15.15 -13.19
CA ARG A 219 16.14 -16.27 -12.60
C ARG A 219 16.93 -17.57 -12.77
N PHE A 220 17.28 -17.89 -14.01
CA PHE A 220 17.94 -19.16 -14.30
C PHE A 220 19.29 -19.28 -13.62
N VAL A 221 20.07 -18.19 -13.61
CA VAL A 221 21.42 -18.26 -13.05
C VAL A 221 21.36 -18.31 -11.53
N ILE A 222 20.59 -17.43 -10.91
CA ILE A 222 20.51 -17.40 -9.45
C ILE A 222 19.83 -18.66 -8.93
N HIS A 223 18.85 -19.20 -9.67
CA HIS A 223 18.22 -20.45 -9.26
C HIS A 223 19.25 -21.57 -9.14
N GLY A 224 20.14 -21.68 -10.14
CA GLY A 224 21.10 -22.76 -10.13
C GLY A 224 22.11 -22.64 -9.00
N LEU A 225 22.61 -21.43 -8.74
CA LEU A 225 23.57 -21.25 -7.66
C LEU A 225 22.92 -21.33 -6.29
N HIS A 226 21.67 -20.86 -6.18
CA HIS A 226 20.95 -20.96 -4.91
C HIS A 226 20.61 -22.40 -4.60
N ARG A 227 20.11 -23.15 -5.60
CA ARG A 227 19.85 -24.57 -5.40
C ARG A 227 21.10 -25.31 -5.00
N THR A 228 22.22 -25.03 -5.66
CA THR A 228 23.49 -25.64 -5.29
C THR A 228 23.87 -25.26 -3.86
N LEU A 229 23.75 -23.99 -3.51
CA LEU A 229 24.14 -23.54 -2.18
C LEU A 229 23.36 -24.29 -1.10
N MET A 230 22.05 -24.43 -1.29
CA MET A 230 21.21 -25.08 -0.28
C MET A 230 21.33 -26.60 -0.31
N ASP A 231 21.78 -27.19 -1.42
CA ASP A 231 21.85 -28.65 -1.49
C ASP A 231 23.11 -29.21 -0.84
N GLN A 232 24.16 -28.40 -0.70
CA GLN A 232 25.41 -28.87 -0.14
C GLN A 232 25.21 -29.32 1.31
N PRO A 233 26.07 -30.21 1.81
CA PRO A 233 26.05 -30.54 3.23
C PRO A 233 26.44 -29.34 4.09
N THR A 234 27.62 -28.79 3.85
CA THR A 234 28.20 -27.76 4.68
C THR A 234 28.01 -26.37 4.07
N TYR A 235 27.78 -25.38 4.91
CA TYR A 235 27.69 -23.99 4.47
C TYR A 235 29.07 -23.36 4.49
N GLU A 236 29.43 -22.70 3.40
CA GLU A 236 30.66 -21.91 3.30
C GLU A 236 30.30 -20.55 2.75
N THR A 237 30.67 -19.50 3.48
CA THR A 237 30.34 -18.13 3.08
C THR A 237 30.88 -17.80 1.70
N SER A 238 31.89 -18.53 1.22
CA SER A 238 32.47 -18.24 -0.09
C SER A 238 31.44 -18.39 -1.20
N GLU A 239 30.56 -19.39 -1.09
CA GLU A 239 29.59 -19.63 -2.15
C GLU A 239 28.44 -18.64 -2.12
N PHE A 240 28.02 -18.21 -0.92
CA PHE A 240 27.00 -17.17 -0.85
C PHE A 240 27.51 -15.83 -1.36
N ALA A 241 28.80 -15.55 -1.14
CA ALA A 241 29.38 -14.30 -1.63
C ALA A 241 29.40 -14.25 -3.16
N GLU A 242 29.60 -15.39 -3.81
CA GLU A 242 29.61 -15.41 -5.27
C GLU A 242 28.23 -15.09 -5.85
N ILE A 243 27.16 -15.51 -5.16
CA ILE A 243 25.82 -15.12 -5.59
C ILE A 243 25.64 -13.62 -5.48
N VAL A 244 26.11 -13.02 -4.39
CA VAL A 244 26.01 -11.59 -4.21
C VAL A 244 26.90 -10.86 -5.22
N ARG A 245 28.10 -11.39 -5.46
CA ARG A 245 28.99 -10.78 -6.44
C ARG A 245 28.37 -10.81 -7.84
N ASN A 246 27.57 -11.82 -8.14
CA ASN A 246 26.92 -11.89 -9.45
C ASN A 246 25.89 -10.78 -9.62
N LEU A 247 25.09 -10.52 -8.59
CA LEU A 247 24.04 -9.52 -8.68
C LEU A 247 24.56 -8.09 -8.59
N ARG A 248 25.77 -7.89 -8.10
CA ARG A 248 26.34 -6.56 -7.97
C ARG A 248 27.12 -6.13 -9.21
N PHE A 249 27.92 -7.01 -9.78
CA PHE A 249 28.88 -6.63 -10.81
C PHE A 249 28.53 -7.11 -12.20
N SER A 250 27.76 -8.19 -12.33
CA SER A 250 27.40 -8.70 -13.65
C SER A 250 25.94 -8.48 -14.03
N ARG A 251 25.03 -8.49 -13.05
CA ARG A 251 23.62 -8.16 -13.29
C ARG A 251 23.13 -7.16 -12.25
N PRO A 252 23.65 -5.94 -12.25
CA PRO A 252 23.11 -4.91 -11.34
C PRO A 252 21.84 -4.25 -11.84
N GLY A 253 21.56 -4.31 -13.14
CA GLY A 253 20.39 -3.67 -13.69
C GLY A 253 20.64 -2.32 -14.34
N ASN A 254 21.90 -1.96 -14.59
CA ASN A 254 22.21 -0.67 -15.19
C ASN A 254 21.94 -0.66 -16.69
N ASN A 255 22.09 -1.80 -17.36
CA ASN A 255 21.94 -1.88 -18.81
C ASN A 255 21.56 -3.32 -19.14
N TYR A 256 20.29 -3.55 -19.48
CA TYR A 256 19.76 -4.90 -19.53
C TYR A 256 20.37 -5.71 -20.67
N ILE A 257 20.31 -5.18 -21.89
CA ILE A 257 20.70 -5.97 -23.06
C ILE A 257 22.18 -6.31 -23.02
N ASN A 258 23.01 -5.45 -22.46
CA ASN A 258 24.44 -5.72 -22.36
C ASN A 258 24.82 -6.48 -21.09
N GLU A 259 23.88 -6.65 -20.16
CA GLU A 259 24.07 -7.57 -19.05
C GLU A 259 23.59 -8.97 -19.36
N LEU A 260 22.93 -9.15 -20.51
CA LEU A 260 22.63 -10.50 -20.99
C LEU A 260 23.93 -11.25 -21.25
N ASN A 261 23.96 -12.52 -20.84
CA ASN A 261 25.15 -13.34 -21.00
C ASN A 261 24.78 -14.61 -21.75
N ILE A 262 24.03 -15.49 -21.08
CA ILE A 262 23.60 -16.74 -21.71
C ILE A 262 22.66 -16.47 -22.88
N THR A 263 21.81 -15.44 -22.75
CA THR A 263 20.79 -15.14 -23.75
C THR A 263 21.19 -14.01 -24.69
N SER A 264 22.45 -13.58 -24.66
CA SER A 264 22.87 -12.49 -25.53
C SER A 264 23.27 -13.03 -26.89
N PRO A 265 22.58 -12.65 -27.97
CA PRO A 265 23.06 -13.07 -29.30
C PRO A 265 24.38 -12.43 -29.69
N ALA A 266 24.70 -11.26 -29.14
CA ALA A 266 25.97 -10.62 -29.44
C ALA A 266 27.17 -11.39 -28.87
N MET A 267 26.94 -12.21 -27.85
CA MET A 267 28.03 -12.98 -27.25
C MET A 267 28.43 -14.20 -28.09
N TYR A 268 27.61 -14.59 -29.05
CA TYR A 268 27.92 -15.75 -29.88
C TYR A 268 28.53 -15.33 -31.23
N ALA A 278 34.19 -22.76 -23.57
CA ALA A 278 33.56 -21.59 -22.97
C ALA A 278 32.33 -21.09 -23.76
N PRO A 279 32.44 -20.95 -25.10
CA PRO A 279 31.24 -20.52 -25.84
C PRO A 279 30.16 -21.58 -25.92
N ASN A 280 30.56 -22.85 -26.07
CA ASN A 280 29.59 -23.94 -26.13
C ASN A 280 29.09 -24.35 -24.75
N ASP A 281 29.89 -24.10 -23.72
CA ASP A 281 29.38 -24.13 -22.35
C ASP A 281 28.28 -23.10 -22.15
N ARG A 282 28.47 -21.91 -22.73
CA ARG A 282 27.43 -20.88 -22.66
C ARG A 282 26.20 -21.29 -23.44
N PHE A 283 26.38 -21.88 -24.63
CA PHE A 283 25.24 -22.37 -25.39
C PHE A 283 24.53 -23.51 -24.67
N ALA A 284 25.27 -24.27 -23.86
CA ALA A 284 24.64 -25.34 -23.09
C ALA A 284 23.65 -24.77 -22.08
N MET A 285 24.00 -23.65 -21.44
CA MET A 285 23.06 -23.03 -20.50
C MET A 285 21.90 -22.38 -21.22
N LEU A 286 22.08 -21.98 -22.48
CA LEU A 286 20.97 -21.43 -23.25
C LEU A 286 19.91 -22.49 -23.53
N VAL A 287 20.36 -23.68 -23.94
CA VAL A 287 19.42 -24.78 -24.16
C VAL A 287 18.71 -25.13 -22.86
N ALA A 288 19.46 -25.18 -21.75
CA ALA A 288 18.85 -25.50 -20.46
C ALA A 288 17.89 -24.40 -20.01
N PHE A 289 18.20 -23.13 -20.33
CA PHE A 289 17.32 -22.05 -19.94
C PHE A 289 15.99 -22.12 -20.69
N ILE A 290 16.04 -22.35 -22.01
CA ILE A 290 14.82 -22.50 -22.80
C ILE A 290 14.00 -23.68 -22.28
N ASN A 291 14.68 -24.76 -21.93
CA ASN A 291 14.04 -25.96 -21.41
C ASN A 291 13.52 -25.80 -19.99
N SER A 292 13.79 -24.67 -19.34
CA SER A 292 13.42 -24.48 -17.94
C SER A 292 12.10 -23.73 -17.82
N THR A 293 11.60 -23.65 -16.60
CA THR A 293 10.40 -22.88 -16.29
C THR A 293 10.68 -21.39 -16.19
N ASP A 294 11.95 -20.99 -16.19
CA ASP A 294 12.31 -19.57 -16.21
C ASP A 294 12.20 -18.95 -17.59
N PHE A 295 12.05 -19.76 -18.63
CA PHE A 295 11.85 -19.24 -19.98
C PHE A 295 10.45 -18.66 -20.11
N LEU A 296 10.38 -17.36 -20.41
CA LEU A 296 9.10 -16.64 -20.46
C LEU A 296 8.33 -16.83 -19.17
N TYR A 297 9.01 -16.60 -18.05
CA TYR A 297 8.47 -16.97 -16.74
C TYR A 297 7.15 -16.24 -16.47
N THR A 298 6.18 -17.00 -15.97
CA THR A 298 4.92 -16.46 -15.46
C THR A 298 4.57 -17.21 -14.19
N ALA A 299 4.06 -16.49 -13.20
CA ALA A 299 3.76 -17.08 -11.90
C ALA A 299 2.41 -17.79 -11.91
N ILE A 300 2.33 -18.90 -11.19
CA ILE A 300 1.09 -19.67 -11.07
C ILE A 300 0.83 -19.96 -9.61
N PRO A 301 -0.45 -20.21 -9.25
CA PRO A 301 -0.80 -20.51 -7.85
C PRO A 301 0.08 -21.55 -7.17
N GLU A 302 0.13 -22.77 -7.73
CA GLU A 302 0.90 -23.84 -7.12
C GLU A 302 2.15 -24.17 -7.94
N TYR B 15 -28.24 -3.99 1.97
CA TYR B 15 -26.92 -4.58 1.83
C TYR B 15 -26.25 -4.75 3.21
N THR B 16 -24.95 -4.46 3.25
CA THR B 16 -24.21 -4.54 4.49
C THR B 16 -24.79 -3.55 5.50
N PRO B 17 -24.82 -3.89 6.80
CA PRO B 17 -25.43 -2.98 7.78
C PRO B 17 -24.74 -1.63 7.86
N ARG B 18 -23.44 -1.54 7.55
CA ARG B 18 -22.76 -0.26 7.57
C ARG B 18 -23.35 0.71 6.55
N THR B 19 -23.52 0.26 5.29
CA THR B 19 -24.10 1.13 4.26
C THR B 19 -25.58 1.35 4.49
N ARG B 20 -26.28 0.34 5.01
CA ARG B 20 -27.70 0.50 5.26
C ARG B 20 -27.96 1.63 6.24
N ILE B 21 -27.14 1.73 7.29
CA ILE B 21 -27.32 2.79 8.26
C ILE B 21 -26.97 4.16 7.64
N ALA B 22 -25.95 4.20 6.79
CA ALA B 22 -25.64 5.45 6.09
C ALA B 22 -26.82 5.95 5.26
N ILE B 23 -27.37 5.08 4.42
CA ILE B 23 -28.50 5.46 3.58
C ILE B 23 -29.68 5.89 4.45
N GLU B 24 -29.88 5.19 5.57
CA GLU B 24 -30.96 5.55 6.48
C GLU B 24 -30.71 6.93 7.09
N VAL B 25 -29.49 7.20 7.54
CA VAL B 25 -29.18 8.50 8.13
C VAL B 25 -29.25 9.60 7.08
N GLU B 26 -28.73 9.33 5.87
CA GLU B 26 -28.76 10.33 4.81
C GLU B 26 -30.19 10.66 4.41
N LYS B 27 -31.06 9.65 4.36
CA LYS B 27 -32.46 9.88 4.04
C LYS B 27 -33.13 10.77 5.08
N ALA B 28 -32.80 10.55 6.36
CA ALA B 28 -33.40 11.35 7.42
C ALA B 28 -32.80 12.75 7.47
N PHE B 29 -31.53 12.91 7.10
CA PHE B 29 -30.94 14.25 7.05
C PHE B 29 -31.57 15.09 5.96
N ASP B 30 -31.76 14.51 4.77
CA ASP B 30 -32.48 15.20 3.72
C ASP B 30 -33.86 15.62 4.20
N ASP B 31 -34.52 14.78 4.99
CA ASP B 31 -35.84 15.11 5.50
C ASP B 31 -35.78 16.19 6.57
N CYS B 32 -34.72 16.20 7.38
CA CYS B 32 -34.65 17.21 8.45
C CYS B 32 -34.30 18.59 7.89
N MET B 33 -33.49 18.65 6.82
CA MET B 33 -33.17 19.93 6.21
C MET B 33 -34.42 20.60 5.66
N ARG B 34 -35.30 19.82 5.03
CA ARG B 34 -36.51 20.40 4.44
C ARG B 34 -37.48 20.86 5.52
N GLN B 35 -37.60 20.09 6.60
CA GLN B 35 -38.64 20.38 7.59
C GLN B 35 -38.25 21.54 8.50
N ASN B 36 -36.98 21.64 8.89
CA ASN B 36 -36.61 22.63 9.89
C ASN B 36 -35.12 22.94 9.91
N TRP B 37 -34.43 22.74 8.77
CA TRP B 37 -32.99 22.98 8.67
C TRP B 37 -32.22 22.16 9.71
N CYS B 38 -32.71 20.94 9.98
CA CYS B 38 -32.19 20.01 10.99
C CYS B 38 -31.94 20.73 12.32
N SER B 39 -32.99 21.37 12.81
CA SER B 39 -32.99 21.94 14.15
C SER B 39 -33.53 20.96 15.19
N VAL B 40 -34.40 20.05 14.78
CA VAL B 40 -35.12 19.20 15.72
C VAL B 40 -34.41 17.88 15.94
N ASN B 41 -34.33 17.04 14.91
CA ASN B 41 -33.74 15.70 15.03
C ASN B 41 -32.65 15.55 13.97
N ASN B 42 -31.40 15.82 14.36
CA ASN B 42 -30.27 15.59 13.48
C ASN B 42 -29.92 14.11 13.50
N PRO B 43 -30.00 13.41 12.36
CA PRO B 43 -29.70 11.97 12.37
C PRO B 43 -28.23 11.68 12.59
N TYR B 44 -27.33 12.47 11.99
CA TYR B 44 -25.91 12.29 12.23
C TYR B 44 -25.57 12.47 13.70
N LEU B 45 -26.20 13.46 14.35
CA LEU B 45 -25.97 13.67 15.77
C LEU B 45 -26.52 12.51 16.60
N ALA B 46 -27.71 12.03 16.25
CA ALA B 46 -28.34 10.95 17.03
C ALA B 46 -27.53 9.67 16.95
N LYS B 47 -27.07 9.31 15.74
CA LYS B 47 -26.31 8.08 15.59
C LYS B 47 -24.90 8.21 16.15
N SER B 48 -24.28 9.39 15.98
CA SER B 48 -22.96 9.60 16.56
C SER B 48 -22.98 9.52 18.07
N VAL B 49 -23.99 10.14 18.70
CA VAL B 49 -24.07 10.13 20.16
C VAL B 49 -24.35 8.72 20.67
N SER B 50 -25.25 8.00 20.00
CA SER B 50 -25.62 6.66 20.45
C SER B 50 -24.45 5.69 20.30
N LEU B 51 -23.71 5.79 19.21
CA LEU B 51 -22.54 4.93 19.03
C LEU B 51 -21.49 5.23 20.09
N LEU B 52 -21.22 6.53 20.33
CA LEU B 52 -20.22 6.90 21.33
C LEU B 52 -20.67 6.52 22.73
N SER B 53 -21.97 6.61 23.02
CA SER B 53 -22.48 6.16 24.30
C SER B 53 -22.42 4.65 24.43
N PHE B 54 -22.63 3.92 23.34
CA PHE B 54 -22.50 2.48 23.36
C PHE B 54 -21.07 2.05 23.69
N LEU B 55 -20.10 2.68 23.03
CA LEU B 55 -18.70 2.35 23.30
C LEU B 55 -18.31 2.74 24.71
N SER B 56 -18.74 3.91 25.18
CA SER B 56 -18.32 4.39 26.50
C SER B 56 -18.78 3.46 27.62
N LEU B 57 -19.93 2.81 27.45
CA LEU B 57 -20.48 1.93 28.47
C LEU B 57 -20.11 0.47 28.29
N ASN B 58 -20.00 0.00 27.04
CA ASN B 58 -19.80 -1.42 26.78
C ASN B 58 -18.38 -1.77 26.34
N HIS B 59 -17.64 -0.83 25.77
CA HIS B 59 -16.27 -1.08 25.30
C HIS B 59 -15.41 0.14 25.59
N PRO B 60 -15.02 0.33 26.85
CA PRO B 60 -14.30 1.57 27.21
C PRO B 60 -12.95 1.71 26.54
N THR B 61 -12.29 0.60 26.20
CA THR B 61 -11.01 0.71 25.50
C THR B 61 -11.22 1.21 24.07
N GLU B 62 -12.27 0.75 23.40
CA GLU B 62 -12.61 1.28 22.09
C GLU B 62 -13.02 2.74 22.18
N PHE B 63 -13.71 3.12 23.27
CA PHE B 63 -14.07 4.51 23.47
C PHE B 63 -12.84 5.39 23.65
N ILE B 64 -11.86 4.92 24.43
CA ILE B 64 -10.61 5.66 24.60
C ILE B 64 -9.87 5.77 23.28
N LYS B 65 -9.99 4.77 22.41
CA LYS B 65 -9.26 4.77 21.16
C LYS B 65 -9.79 5.84 20.21
N VAL B 66 -11.12 6.01 20.12
CA VAL B 66 -11.70 6.90 19.13
C VAL B 66 -11.98 8.30 19.66
N LEU B 67 -12.00 8.50 20.97
CA LEU B 67 -12.35 9.80 21.53
C LEU B 67 -11.47 10.94 21.02
N PRO B 68 -10.13 10.82 20.98
CA PRO B 68 -9.32 11.93 20.45
C PRO B 68 -9.52 12.20 18.97
N LEU B 69 -10.32 11.39 18.28
CA LEU B 69 -10.51 11.55 16.84
C LEU B 69 -11.89 12.09 16.47
N ILE B 70 -12.82 12.20 17.42
CA ILE B 70 -14.17 12.63 17.08
C ILE B 70 -14.19 14.12 16.75
N ASP B 71 -15.11 14.51 15.88
CA ASP B 71 -15.20 15.85 15.35
C ASP B 71 -16.39 16.58 15.96
N PHE B 72 -16.25 17.90 16.11
CA PHE B 72 -17.39 18.71 16.55
C PHE B 72 -18.52 18.66 15.54
N ASP B 73 -18.19 18.52 14.26
CA ASP B 73 -19.19 18.29 13.22
C ASP B 73 -19.69 16.86 13.33
N PRO B 74 -20.93 16.62 13.76
CA PRO B 74 -21.40 15.23 13.92
C PRO B 74 -21.50 14.47 12.61
N LEU B 75 -21.66 15.17 11.48
CA LEU B 75 -21.66 14.49 10.18
C LEU B 75 -20.30 13.87 9.90
N VAL B 76 -19.23 14.64 10.13
CA VAL B 76 -17.87 14.12 9.92
C VAL B 76 -17.60 12.98 10.88
N THR B 77 -18.03 13.11 12.13
CA THR B 77 -17.83 12.05 13.12
C THR B 77 -18.54 10.77 12.70
N PHE B 78 -19.74 10.90 12.11
CA PHE B 78 -20.50 9.73 11.71
C PHE B 78 -19.74 8.88 10.70
N TYR B 79 -19.24 9.50 9.63
CA TYR B 79 -18.56 8.75 8.58
C TYR B 79 -17.17 8.29 9.00
N LEU B 80 -16.49 9.05 9.85
CA LEU B 80 -15.18 8.63 10.34
C LEU B 80 -15.29 7.37 11.20
N LEU B 81 -16.30 7.32 12.08
CA LEU B 81 -16.48 6.16 12.94
C LEU B 81 -17.08 4.98 12.18
N LEU B 82 -18.08 5.23 11.33
CA LEU B 82 -18.79 4.15 10.68
C LEU B 82 -17.99 3.56 9.52
N GLU B 83 -17.37 4.41 8.71
CA GLU B 83 -16.73 4.00 7.46
C GLU B 83 -17.69 3.13 6.65
N PRO B 84 -18.88 3.64 6.31
CA PRO B 84 -19.90 2.75 5.75
C PRO B 84 -19.54 2.19 4.38
N TYR B 85 -18.85 2.96 3.54
CA TYR B 85 -18.57 2.55 2.18
C TYR B 85 -17.21 1.88 2.03
N LYS B 86 -16.61 1.42 3.12
CA LYS B 86 -15.33 0.72 3.08
C LYS B 86 -15.60 -0.75 2.79
N THR B 87 -15.38 -1.16 1.55
CA THR B 87 -15.56 -2.55 1.14
C THR B 87 -14.28 -3.35 1.14
N HIS B 88 -13.14 -2.70 0.92
CA HIS B 88 -11.85 -3.37 0.90
C HIS B 88 -11.11 -3.06 2.21
N GLY B 89 -10.38 -4.04 2.72
CA GLY B 89 -9.63 -3.85 3.94
C GLY B 89 -10.35 -4.33 5.18
N ASP B 90 -9.59 -4.91 6.10
CA ASP B 90 -10.12 -5.36 7.39
C ASP B 90 -9.79 -4.39 8.52
N ASP B 91 -9.15 -3.26 8.21
CA ASP B 91 -8.72 -2.31 9.23
C ASP B 91 -9.77 -1.23 9.50
N PHE B 92 -11.00 -1.67 9.74
CA PHE B 92 -12.04 -0.73 10.17
C PHE B 92 -11.64 -0.08 11.49
N LEU B 93 -11.99 1.20 11.65
CA LEU B 93 -11.66 1.90 12.88
C LEU B 93 -12.36 1.27 14.08
N ILE B 94 -13.61 0.88 13.91
CA ILE B 94 -14.36 0.14 14.92
C ILE B 94 -14.66 -1.24 14.37
N PRO B 95 -14.32 -2.32 15.08
CA PRO B 95 -14.48 -3.66 14.51
C PRO B 95 -15.93 -3.98 14.19
N GLU B 96 -16.10 -4.81 13.15
CA GLU B 96 -17.45 -5.23 12.75
C GLU B 96 -18.15 -6.00 13.86
N THR B 97 -17.39 -6.75 14.66
CA THR B 97 -18.00 -7.49 15.78
C THR B 97 -18.61 -6.53 16.80
N ILE B 98 -17.97 -5.38 17.01
CA ILE B 98 -18.47 -4.44 18.01
C ILE B 98 -19.67 -3.67 17.49
N LEU B 99 -19.75 -3.43 16.18
CA LEU B 99 -20.84 -2.66 15.61
C LEU B 99 -22.04 -3.53 15.24
N PHE B 100 -21.81 -4.74 14.72
CA PHE B 100 -22.90 -5.58 14.25
C PHE B 100 -22.68 -7.03 14.68
N GLY B 101 -23.76 -7.79 14.65
CA GLY B 101 -23.76 -9.16 15.10
C GLY B 101 -24.37 -9.28 16.49
N PRO B 102 -24.15 -10.43 17.14
CA PRO B 102 -24.71 -10.59 18.49
C PRO B 102 -24.04 -9.71 19.54
N THR B 103 -22.78 -9.36 19.34
CA THR B 103 -22.08 -8.45 20.25
C THR B 103 -22.26 -6.99 19.86
N GLY B 104 -23.03 -6.71 18.80
CA GLY B 104 -22.95 -5.43 18.13
C GLY B 104 -23.87 -4.35 18.68
N TRP B 105 -23.58 -3.12 18.27
CA TRP B 105 -24.41 -1.97 18.61
C TRP B 105 -25.69 -1.93 17.79
N ASN B 106 -25.64 -2.43 16.55
CA ASN B 106 -26.81 -2.60 15.68
C ASN B 106 -27.52 -1.29 15.37
N GLY B 107 -26.87 -0.16 15.62
CA GLY B 107 -27.45 1.12 15.25
C GLY B 107 -28.60 1.58 16.12
N THR B 108 -28.77 1.00 17.30
CA THR B 108 -29.88 1.36 18.17
C THR B 108 -29.62 2.71 18.84
N ASP B 109 -30.64 3.57 18.84
CA ASP B 109 -30.51 4.87 19.48
C ASP B 109 -30.30 4.72 20.98
N LEU B 110 -29.37 5.51 21.53
CA LEU B 110 -28.95 5.43 22.92
C LEU B 110 -28.60 6.84 23.38
N TYR B 111 -29.61 7.69 23.54
CA TYR B 111 -29.38 9.08 23.89
C TYR B 111 -30.67 9.69 24.41
N GLN B 112 -30.49 10.74 25.22
CA GLN B 112 -31.55 11.69 25.55
C GLN B 112 -30.90 13.07 25.64
N SER B 113 -31.53 14.05 25.02
CA SER B 113 -30.94 15.37 24.80
C SER B 113 -29.60 15.23 24.07
N ALA B 114 -29.71 14.81 22.80
CA ALA B 114 -28.53 14.51 22.00
C ALA B 114 -27.64 15.74 21.83
N MET B 115 -28.23 16.93 21.89
CA MET B 115 -27.45 18.16 21.86
C MET B 115 -26.36 18.15 22.92
N LEU B 116 -26.76 17.98 24.19
CA LEU B 116 -25.82 18.06 25.29
C LEU B 116 -24.85 16.87 25.30
N GLU B 117 -25.38 15.66 25.11
CA GLU B 117 -24.57 14.45 25.27
C GLU B 117 -23.35 14.48 24.34
N PHE B 118 -23.52 14.97 23.12
CA PHE B 118 -22.40 15.10 22.20
C PHE B 118 -21.34 16.04 22.75
N LYS B 119 -21.77 17.21 23.23
CA LYS B 119 -20.85 18.16 23.84
C LYS B 119 -20.22 17.60 25.11
N LYS B 120 -20.95 16.75 25.84
CA LYS B 120 -20.41 16.15 27.05
C LYS B 120 -19.28 15.18 26.74
N PHE B 121 -19.29 14.57 25.56
CA PHE B 121 -18.23 13.63 25.19
C PHE B 121 -16.87 14.34 25.13
N PHE B 122 -16.83 15.54 24.56
CA PHE B 122 -15.57 16.26 24.43
C PHE B 122 -15.03 16.68 25.81
N THR B 123 -15.92 16.98 26.75
CA THR B 123 -15.48 17.33 28.10
C THR B 123 -14.83 16.15 28.82
N GLN B 124 -15.02 14.94 28.30
CA GLN B 124 -14.39 13.76 28.89
C GLN B 124 -12.94 13.56 28.43
N ILE B 125 -12.40 14.46 27.62
CA ILE B 125 -11.00 14.33 27.22
C ILE B 125 -10.15 14.86 28.37
N THR B 126 -9.95 14.03 29.39
CA THR B 126 -9.23 14.41 30.60
C THR B 126 -8.27 13.30 30.99
N ARG B 127 -7.52 13.54 32.07
CA ARG B 127 -6.58 12.54 32.55
C ARG B 127 -7.30 11.37 33.22
N GLN B 128 -8.41 11.64 33.90
CA GLN B 128 -9.10 10.62 34.67
C GLN B 128 -10.03 9.75 33.82
N THR B 129 -10.19 10.05 32.53
CA THR B 129 -10.96 9.14 31.67
C THR B 129 -10.08 8.00 31.19
N PHE B 130 -8.87 8.32 30.74
CA PHE B 130 -7.78 7.36 30.88
C PHE B 130 -7.62 7.04 32.36
N MET B 131 -6.70 6.13 32.66
CA MET B 131 -6.55 5.51 33.99
C MET B 131 -7.73 4.58 34.27
N VAL B 143 0.20 7.37 29.62
CA VAL B 143 -0.59 8.59 29.69
C VAL B 143 -0.33 9.46 28.46
N PRO B 144 -1.27 9.42 27.52
CA PRO B 144 -1.15 10.25 26.31
C PRO B 144 -1.40 11.70 26.61
N ILE B 145 -0.68 12.57 25.91
CA ILE B 145 -0.86 14.01 26.07
C ILE B 145 -2.21 14.47 25.56
N CYS B 146 -2.82 13.71 24.64
CA CYS B 146 -4.15 14.08 24.15
C CYS B 146 -5.18 14.07 25.26
N TYR B 147 -4.95 13.29 26.31
CA TYR B 147 -5.80 13.29 27.50
C TYR B 147 -5.24 14.16 28.62
N SER B 148 -3.92 14.17 28.80
CA SER B 148 -3.32 14.96 29.88
C SER B 148 -3.57 16.44 29.68
N ASP B 149 -3.04 17.00 28.59
CA ASP B 149 -3.18 18.42 28.28
C ASP B 149 -3.43 18.57 26.79
N PRO B 150 -4.68 18.37 26.34
CA PRO B 150 -4.97 18.44 24.90
C PRO B 150 -4.68 19.80 24.29
N GLU B 151 -4.61 20.87 25.10
CA GLU B 151 -4.31 22.18 24.57
C GLU B 151 -2.85 22.31 24.18
N THR B 152 -1.95 21.61 24.88
CA THR B 152 -0.54 21.64 24.52
C THR B 152 -0.26 20.84 23.26
N VAL B 153 -1.11 19.86 22.94
CA VAL B 153 -0.98 19.15 21.68
C VAL B 153 -1.23 20.10 20.51
N HIS B 154 -2.31 20.88 20.59
CA HIS B 154 -2.56 21.92 19.59
C HIS B 154 -1.40 22.88 19.53
N SER B 155 -0.77 23.13 20.67
CA SER B 155 0.38 23.99 20.71
C SER B 155 1.56 23.37 19.98
N TYR B 156 1.71 22.03 20.05
CA TYR B 156 2.74 21.36 19.26
C TYR B 156 2.41 21.40 17.78
N THR B 157 1.13 21.26 17.43
CA THR B 157 0.73 21.25 16.03
C THR B 157 0.98 22.61 15.37
N ASN B 158 0.72 23.70 16.11
CA ASN B 158 0.97 25.03 15.56
C ASN B 158 2.45 25.25 15.29
N HIS B 159 3.33 24.59 16.05
CA HIS B 159 4.76 24.65 15.74
C HIS B 159 5.05 24.04 14.39
N VAL B 160 4.50 22.85 14.14
CA VAL B 160 4.69 22.20 12.86
C VAL B 160 4.06 23.02 11.76
N ARG B 161 2.91 23.64 12.03
CA ARG B 161 2.24 24.45 11.03
C ARG B 161 3.08 25.66 10.66
N THR B 162 3.57 26.39 11.66
CA THR B 162 4.44 27.53 11.40
C THR B 162 5.71 27.10 10.68
N GLU B 163 6.22 25.91 11.01
CA GLU B 163 7.46 25.43 10.39
C GLU B 163 7.26 25.18 8.89
N ILE B 164 6.16 24.53 8.52
CA ILE B 164 5.94 24.19 7.12
C ILE B 164 5.62 25.43 6.32
N LEU B 165 4.83 26.35 6.88
CA LEU B 165 4.34 27.49 6.12
C LEU B 165 5.26 28.70 6.15
N HIS B 166 6.14 28.81 7.14
CA HIS B 166 6.96 30.01 7.29
C HIS B 166 8.46 29.75 7.39
N HIS B 167 8.90 28.54 7.73
CA HIS B 167 10.32 28.23 7.83
C HIS B 167 10.79 27.32 6.69
N ASN B 168 9.97 27.14 5.66
CA ASN B 168 10.33 26.30 4.53
C ASN B 168 9.75 26.90 3.26
N ALA B 169 10.35 26.53 2.13
CA ALA B 169 9.79 26.92 0.85
C ALA B 169 8.46 26.23 0.64
N VAL B 170 7.40 27.03 0.48
CA VAL B 170 6.07 26.51 0.22
C VAL B 170 5.99 26.19 -1.28
N ASN B 171 6.13 24.90 -1.62
CA ASN B 171 6.32 24.50 -3.00
C ASN B 171 5.49 23.27 -3.30
N LYS B 172 5.31 23.00 -4.60
CA LYS B 172 4.65 21.79 -5.07
C LYS B 172 5.44 20.53 -4.71
N VAL B 173 6.75 20.66 -4.51
CA VAL B 173 7.61 19.52 -4.20
C VAL B 173 8.05 19.50 -2.74
N THR B 174 8.08 20.65 -2.07
CA THR B 174 8.49 20.71 -0.67
C THR B 174 7.32 20.52 0.29
N THR B 175 6.24 21.27 0.09
CA THR B 175 5.16 21.29 1.08
C THR B 175 4.43 19.96 1.20
N PRO B 176 4.04 19.28 0.11
CA PRO B 176 3.29 18.01 0.29
C PRO B 176 4.06 16.96 1.07
N ASN B 177 5.36 16.80 0.79
CA ASN B 177 6.14 15.80 1.52
C ASN B 177 6.30 16.19 2.99
N LEU B 178 6.38 17.49 3.29
CA LEU B 178 6.48 17.93 4.67
C LEU B 178 5.23 17.60 5.47
N VAL B 179 4.07 17.66 4.83
CA VAL B 179 2.83 17.28 5.49
C VAL B 179 2.84 15.79 5.82
N VAL B 180 3.28 14.97 4.87
CA VAL B 180 3.30 13.51 5.08
C VAL B 180 4.30 13.15 6.17
N GLN B 181 5.45 13.83 6.20
CA GLN B 181 6.46 13.52 7.21
C GLN B 181 5.98 13.83 8.61
N ALA B 182 5.19 14.91 8.77
CA ALA B 182 4.61 15.21 10.07
C ALA B 182 3.63 14.13 10.50
N TYR B 183 2.83 13.64 9.56
CA TYR B 183 1.96 12.50 9.87
C TYR B 183 2.76 11.22 10.02
N ASN B 184 3.87 11.10 9.30
CA ASN B 184 4.75 9.95 9.47
C ASN B 184 5.26 9.86 10.90
N GLU B 185 5.78 10.98 11.42
CA GLU B 185 6.34 10.99 12.77
C GLU B 185 5.28 10.64 13.82
N LEU B 186 4.03 11.09 13.59
CA LEU B 186 2.96 10.76 14.53
C LEU B 186 2.64 9.27 14.47
N GLU B 187 2.72 8.67 13.29
CA GLU B 187 2.39 7.25 13.14
C GLU B 187 3.50 6.35 13.65
N GLN B 188 4.76 6.70 13.37
CA GLN B 188 5.87 5.83 13.71
C GLN B 188 6.34 6.00 15.15
N THR B 189 6.30 7.23 15.68
CA THR B 189 6.85 7.53 16.99
C THR B 189 5.83 8.03 17.99
N ASN B 190 4.58 8.27 17.59
CA ASN B 190 3.55 8.82 18.48
C ASN B 190 3.99 10.15 19.07
N THR B 191 4.60 11.00 18.25
CA THR B 191 5.12 12.28 18.69
C THR B 191 4.77 13.36 17.69
N ILE B 192 4.65 14.59 18.19
CA ILE B 192 4.57 15.80 17.39
C ILE B 192 5.58 16.77 17.96
N ARG B 193 6.52 17.22 17.11
CA ARG B 193 7.71 17.94 17.57
C ARG B 193 8.54 17.09 18.53
N HIS B 194 8.55 15.77 18.31
CA HIS B 194 9.27 14.81 19.14
C HIS B 194 8.81 14.85 20.60
N TYR B 195 7.57 15.28 20.80
CA TYR B 195 6.96 15.31 22.12
C TYR B 195 5.83 14.29 22.15
N GLY B 196 5.82 13.45 23.17
CA GLY B 196 4.81 12.43 23.30
C GLY B 196 4.75 11.82 24.69
N PRO B 197 3.96 10.74 24.84
CA PRO B 197 3.15 10.14 23.78
C PRO B 197 1.86 10.91 23.50
N ILE B 198 1.51 11.07 22.22
CA ILE B 198 0.35 11.86 21.84
C ILE B 198 -0.94 11.07 22.03
N PHE B 199 -1.03 9.91 21.41
CA PHE B 199 -2.22 9.08 21.40
C PHE B 199 -2.02 7.83 22.24
N PRO B 200 -3.09 7.13 22.58
CA PRO B 200 -2.94 5.76 23.06
C PRO B 200 -2.43 4.87 21.94
N GLU B 201 -1.73 3.80 22.32
CA GLU B 201 -1.21 2.88 21.32
C GLU B 201 -2.33 2.19 20.55
N SER B 202 -3.51 2.10 21.15
CA SER B 202 -4.68 1.64 20.43
C SER B 202 -4.96 2.54 19.23
N THR B 203 -4.91 3.85 19.44
CA THR B 203 -5.18 4.80 18.37
C THR B 203 -4.10 4.75 17.30
N ILE B 204 -2.82 4.70 17.70
CA ILE B 204 -1.73 4.64 16.74
C ILE B 204 -1.82 3.37 15.91
N ASN B 205 -2.15 2.24 16.55
CA ASN B 205 -2.28 0.98 15.83
C ASN B 205 -3.45 1.00 14.85
N ALA B 206 -4.45 1.83 15.10
CA ALA B 206 -5.61 1.94 14.22
C ALA B 206 -5.40 2.94 13.09
N LEU B 207 -4.35 3.76 13.15
CA LEU B 207 -4.07 4.75 12.12
C LEU B 207 -2.87 4.36 11.26
N ARG B 208 -2.66 3.05 11.10
CA ARG B 208 -1.55 2.56 10.28
C ARG B 208 -1.71 3.02 8.84
N PHE B 209 -0.57 3.18 8.16
CA PHE B 209 -0.52 3.40 6.72
C PHE B 209 -1.31 4.65 6.31
N TRP B 210 -0.90 5.78 6.86
CA TRP B 210 -1.36 7.11 6.44
C TRP B 210 -2.87 7.27 6.55
N LYS B 211 -3.51 6.53 7.47
CA LYS B 211 -4.95 6.60 7.60
C LYS B 211 -5.39 7.93 8.21
N LYS B 212 -4.60 8.46 9.15
CA LYS B 212 -4.99 9.72 9.80
C LYS B 212 -4.95 10.88 8.81
N LEU B 213 -3.96 10.90 7.92
CA LEU B 213 -3.94 11.91 6.87
C LEU B 213 -5.15 11.77 5.96
N TRP B 214 -5.56 10.52 5.70
CA TRP B 214 -6.79 10.30 4.94
C TRP B 214 -8.01 10.78 5.72
N GLN B 215 -8.01 10.58 7.04
CA GLN B 215 -9.10 11.08 7.87
C GLN B 215 -9.14 12.60 7.88
N ASP B 216 -7.97 13.24 7.88
CA ASP B 216 -7.90 14.68 8.09
C ASP B 216 -8.16 15.47 6.82
N GLU B 217 -7.79 14.93 5.64
CA GLU B 217 -8.22 15.56 4.41
C GLU B 217 -9.74 15.43 4.24
N GLN B 218 -10.29 14.28 4.62
CA GLN B 218 -11.74 14.12 4.62
C GLN B 218 -12.40 15.13 5.54
N ARG B 219 -11.83 15.33 6.74
CA ARG B 219 -12.29 16.39 7.63
C ARG B 219 -12.34 17.73 6.89
N PHE B 220 -11.22 18.11 6.29
CA PHE B 220 -11.13 19.42 5.64
C PHE B 220 -12.12 19.56 4.49
N VAL B 221 -12.26 18.51 3.68
CA VAL B 221 -13.14 18.59 2.52
C VAL B 221 -14.60 18.60 2.94
N ILE B 222 -14.98 17.69 3.84
CA ILE B 222 -16.38 17.60 4.25
C ILE B 222 -16.77 18.81 5.10
N HIS B 223 -15.83 19.35 5.89
CA HIS B 223 -16.11 20.56 6.66
C HIS B 223 -16.50 21.71 5.72
N GLY B 224 -15.76 21.89 4.63
CA GLY B 224 -16.03 22.98 3.73
C GLY B 224 -17.37 22.85 3.02
N LEU B 225 -17.70 21.63 2.57
CA LEU B 225 -18.97 21.43 1.90
C LEU B 225 -20.14 21.47 2.88
N HIS B 226 -19.97 20.89 4.06
CA HIS B 226 -21.04 20.90 5.05
C HIS B 226 -21.31 22.32 5.54
N ARG B 227 -20.25 23.09 5.79
CA ARG B 227 -20.43 24.48 6.23
C ARG B 227 -21.11 25.30 5.15
N THR B 228 -20.67 25.16 3.90
CA THR B 228 -21.34 25.83 2.80
C THR B 228 -22.81 25.43 2.71
N LEU B 229 -23.09 24.14 2.85
CA LEU B 229 -24.47 23.66 2.81
C LEU B 229 -25.31 24.28 3.91
N MET B 230 -24.76 24.36 5.13
CA MET B 230 -25.54 24.88 6.26
C MET B 230 -25.69 26.39 6.19
N ASP B 231 -24.75 27.09 5.56
CA ASP B 231 -24.77 28.55 5.58
C ASP B 231 -25.68 29.16 4.53
N GLN B 232 -26.11 28.38 3.53
CA GLN B 232 -26.91 28.92 2.46
C GLN B 232 -28.33 29.22 2.93
N PRO B 233 -29.04 30.14 2.28
CA PRO B 233 -30.43 30.41 2.68
C PRO B 233 -31.39 29.31 2.25
N THR B 234 -31.12 28.65 1.14
CA THR B 234 -31.99 27.65 0.56
C THR B 234 -31.32 26.28 0.66
N TYR B 235 -32.08 25.27 1.09
CA TYR B 235 -31.64 23.88 1.00
C TYR B 235 -32.17 23.26 -0.28
N GLU B 236 -31.26 22.66 -1.04
CA GLU B 236 -31.62 21.87 -2.22
C GLU B 236 -30.67 20.68 -2.29
N THR B 237 -31.24 19.46 -2.28
CA THR B 237 -30.47 18.23 -2.16
C THR B 237 -29.33 18.07 -3.15
N SER B 238 -29.26 18.93 -4.18
CA SER B 238 -28.12 18.93 -5.09
C SER B 238 -26.81 18.97 -4.31
N GLU B 239 -26.74 19.83 -3.31
CA GLU B 239 -25.52 20.02 -2.55
C GLU B 239 -25.26 18.86 -1.58
N PHE B 240 -26.30 18.40 -0.89
CA PHE B 240 -26.14 17.28 0.02
C PHE B 240 -25.78 15.99 -0.72
N ALA B 241 -26.35 15.80 -1.91
CA ALA B 241 -26.01 14.64 -2.72
C ALA B 241 -24.53 14.64 -3.10
N GLU B 242 -23.94 15.82 -3.30
CA GLU B 242 -22.53 15.87 -3.64
C GLU B 242 -21.64 15.49 -2.47
N ILE B 243 -22.06 15.81 -1.24
CA ILE B 243 -21.32 15.36 -0.08
C ILE B 243 -21.38 13.83 0.04
N VAL B 244 -22.54 13.25 -0.27
CA VAL B 244 -22.69 11.81 -0.20
C VAL B 244 -21.88 11.13 -1.29
N ARG B 245 -21.89 11.70 -2.51
CA ARG B 245 -21.08 11.15 -3.59
C ARG B 245 -19.61 11.13 -3.22
N ASN B 246 -19.12 12.21 -2.61
CA ASN B 246 -17.71 12.31 -2.26
C ASN B 246 -17.27 11.18 -1.35
N LEU B 247 -18.07 10.90 -0.31
CA LEU B 247 -17.70 9.85 0.64
C LEU B 247 -17.86 8.46 0.04
N ARG B 248 -18.77 8.31 -0.93
CA ARG B 248 -19.03 6.99 -1.51
C ARG B 248 -17.94 6.58 -2.49
N PHE B 249 -17.57 7.46 -3.41
CA PHE B 249 -16.76 7.09 -4.55
C PHE B 249 -15.35 7.67 -4.55
N SER B 250 -15.12 8.79 -3.88
CA SER B 250 -13.80 9.39 -3.83
C SER B 250 -13.05 9.11 -2.53
N ARG B 251 -13.75 9.01 -1.41
CA ARG B 251 -13.16 8.67 -0.12
C ARG B 251 -13.97 7.57 0.58
N PRO B 252 -14.06 6.38 -0.03
CA PRO B 252 -14.76 5.29 0.67
C PRO B 252 -13.93 4.62 1.75
N GLY B 253 -12.61 4.73 1.71
CA GLY B 253 -11.76 4.10 2.68
C GLY B 253 -11.15 2.77 2.25
N ASN B 254 -11.13 2.47 0.95
CA ASN B 254 -10.58 1.21 0.50
C ASN B 254 -9.06 1.27 0.32
N ASN B 255 -8.53 2.45 0.03
CA ASN B 255 -7.09 2.63 -0.19
C ASN B 255 -6.74 4.04 0.25
N TYR B 256 -6.10 4.18 1.42
CA TYR B 256 -5.95 5.50 2.03
C TYR B 256 -5.02 6.39 1.21
N ILE B 257 -3.83 5.89 0.84
CA ILE B 257 -2.85 6.73 0.16
C ILE B 257 -3.42 7.22 -1.17
N ASN B 258 -4.01 6.33 -1.95
CA ASN B 258 -4.51 6.70 -3.26
C ASN B 258 -5.86 7.38 -3.21
N GLU B 259 -6.49 7.45 -2.05
CA GLU B 259 -7.67 8.30 -1.86
C GLU B 259 -7.30 9.70 -1.39
N LEU B 260 -6.02 9.94 -1.11
CA LEU B 260 -5.56 11.30 -0.87
C LEU B 260 -5.60 12.09 -2.17
N ASN B 261 -5.95 13.37 -2.07
CA ASN B 261 -6.08 14.23 -3.23
C ASN B 261 -5.35 15.55 -2.98
N ILE B 262 -5.84 16.31 -2.00
CA ILE B 262 -5.21 17.58 -1.65
C ILE B 262 -3.85 17.35 -1.02
N THR B 263 -3.72 16.30 -0.22
CA THR B 263 -2.50 15.99 0.51
C THR B 263 -1.65 14.92 -0.17
N SER B 264 -1.94 14.61 -1.43
CA SER B 264 -1.21 13.56 -2.15
C SER B 264 0.01 14.18 -2.83
N PRO B 265 1.24 13.82 -2.43
CA PRO B 265 2.41 14.30 -3.17
C PRO B 265 2.51 13.74 -4.58
N ALA B 266 1.85 12.62 -4.86
CA ALA B 266 1.87 12.05 -6.22
C ALA B 266 1.03 12.86 -7.19
N MET B 267 0.09 13.67 -6.69
CA MET B 267 -0.78 14.45 -7.56
C MET B 267 -0.17 15.77 -8.00
N TYR B 268 1.03 16.10 -7.52
CA TYR B 268 1.66 17.37 -7.87
C TYR B 268 2.78 17.18 -8.90
N ALA B 278 -6.07 24.09 -12.08
CA ALA B 278 -6.46 22.86 -11.39
C ALA B 278 -5.41 22.35 -10.40
N PRO B 279 -4.13 22.27 -10.79
CA PRO B 279 -3.10 21.93 -9.79
C PRO B 279 -2.83 23.07 -8.84
N ASN B 280 -2.89 24.31 -9.30
CA ASN B 280 -2.69 25.46 -8.42
C ASN B 280 -3.84 25.60 -7.44
N ASP B 281 -5.07 25.33 -7.89
CA ASP B 281 -6.20 25.32 -6.97
C ASP B 281 -6.06 24.23 -5.93
N ARG B 282 -5.52 23.07 -6.34
CA ARG B 282 -5.28 21.99 -5.39
C ARG B 282 -4.24 22.40 -4.35
N PHE B 283 -3.17 23.06 -4.79
CA PHE B 283 -2.12 23.49 -3.86
C PHE B 283 -2.65 24.55 -2.91
N ALA B 284 -3.53 25.44 -3.39
CA ALA B 284 -4.13 26.44 -2.51
C ALA B 284 -4.97 25.79 -1.42
N MET B 285 -5.62 24.66 -1.74
CA MET B 285 -6.36 23.92 -0.72
C MET B 285 -5.42 23.24 0.26
N LEU B 286 -4.23 22.84 -0.20
CA LEU B 286 -3.24 22.26 0.69
C LEU B 286 -2.74 23.28 1.70
N VAL B 287 -2.50 24.51 1.26
CA VAL B 287 -2.09 25.57 2.17
C VAL B 287 -3.18 25.85 3.19
N ALA B 288 -4.43 25.90 2.73
CA ALA B 288 -5.55 26.13 3.64
C ALA B 288 -5.72 24.96 4.60
N PHE B 289 -5.40 23.74 4.17
CA PHE B 289 -5.53 22.58 5.05
C PHE B 289 -4.51 22.63 6.18
N ILE B 290 -3.25 22.95 5.85
CA ILE B 290 -2.21 23.06 6.87
C ILE B 290 -2.57 24.17 7.86
N ASN B 291 -3.16 25.25 7.37
CA ASN B 291 -3.57 26.37 8.20
C ASN B 291 -4.84 26.10 8.99
N SER B 292 -5.47 24.95 8.79
CA SER B 292 -6.71 24.61 9.46
C SER B 292 -6.45 23.83 10.75
N THR B 293 -7.50 23.70 11.55
CA THR B 293 -7.44 22.84 12.73
C THR B 293 -7.65 21.37 12.40
N ASP B 294 -7.93 21.05 11.13
CA ASP B 294 -7.96 19.66 10.70
C ASP B 294 -6.55 19.10 10.45
N PHE B 295 -5.55 19.98 10.33
CA PHE B 295 -4.17 19.53 10.20
C PHE B 295 -3.70 18.91 11.51
N LEU B 296 -3.35 17.63 11.46
CA LEU B 296 -2.98 16.87 12.66
C LEU B 296 -4.05 16.98 13.73
N TYR B 297 -5.30 16.73 13.32
CA TYR B 297 -6.45 16.96 14.19
C TYR B 297 -6.34 16.13 15.47
N THR B 298 -6.51 16.80 16.60
CA THR B 298 -6.66 16.15 17.89
C THR B 298 -7.82 16.83 18.62
N ALA B 299 -8.65 16.02 19.28
CA ALA B 299 -9.89 16.52 19.86
C ALA B 299 -9.61 17.44 21.04
N ILE B 300 -10.55 18.35 21.29
CA ILE B 300 -10.40 19.37 22.31
C ILE B 300 -11.65 19.35 23.20
N PRO B 301 -11.52 19.58 24.51
CA PRO B 301 -12.74 19.67 25.35
C PRO B 301 -13.64 20.82 24.96
N GLU B 302 -13.08 22.01 24.75
CA GLU B 302 -13.86 23.15 24.31
C GLU B 302 -13.68 23.35 22.82
#